data_3GC4
#
_entry.id   3GC4
#
_cell.length_a   90.500
_cell.length_b   64.900
_cell.length_c   70.400
_cell.angle_alpha   90.00
_cell.angle_beta   96.00
_cell.angle_gamma   90.00
#
_symmetry.space_group_name_H-M   'C 1 2 1'
#
loop_
_entity.id
_entity.type
_entity.pdbx_description
1 polymer 'Queuine tRNA-ribosyltransferase'
2 non-polymer 6-amino-4-[2-(benzylamino)ethyl]-2-(methylamino)-1,7-dihydro-8H-imidazo[4,5-g]quinazolin-8-one
3 non-polymer 'ZINC ION'
4 non-polymer GLYCEROL
5 water water
#
_entity_poly.entity_id   1
_entity_poly.type   'polypeptide(L)'
_entity_poly.pdbx_seq_one_letter_code
;MVEATAQETDRPRFSFSIAAREGKARTGTIEMKRGVIRTPAFMPVGTAATVKALKPETVRATGADIILGNTYHLMLRPGA
ERIAKLGGLHSFMGWDRPILTDSGGYQVMSLSSLTKQSEEGVTFKSHLDGSRHMLSPERSIEIQHLLGSDIVMAFDECTP
YPATPSRAASSMERSMRWAKRSRDAFDSRKEQAENAALFGIQQGSVFENLRQQSADALAEIGFDGYAVGGLAVGEGQDEM
FRVLDFSVPMLPDDKPHYLMGVGKPDDIVGAVERGIDMFDCVLPTRSGRNGQAFTWDGPINIRNARFSEDLKPLDSECHC
AVCQKWSRAYIHHLIRAGEILGAMLMTEHNIAFYQQLMQKIRDSISEGRFSQFAQDFRARYFARNS
;
_entity_poly.pdbx_strand_id   A
#
loop_
_chem_comp.id
_chem_comp.type
_chem_comp.name
_chem_comp.formula
AAQ non-polymer 6-amino-4-[2-(benzylamino)ethyl]-2-(methylamino)-1,7-dihydro-8H-imidazo[4,5-g]quinazolin-8-one 'C19 H21 N7 O'
GOL non-polymer GLYCEROL 'C3 H8 O3'
ZN non-polymer 'ZINC ION' 'Zn 2'
#
# COMPACT_ATOMS: atom_id res chain seq x y z
N ARG A 11 -0.97 17.79 -15.74
CA ARG A 11 -1.88 17.09 -14.82
C ARG A 11 -2.17 17.99 -13.64
N PRO A 12 -3.30 17.78 -12.99
CA PRO A 12 -3.59 18.49 -11.76
C PRO A 12 -2.75 17.99 -10.58
N ARG A 13 -2.70 18.78 -9.51
CA ARG A 13 -2.15 18.35 -8.24
C ARG A 13 -2.77 17.01 -7.84
N PHE A 14 -4.10 16.92 -7.89
CA PHE A 14 -4.80 15.70 -7.51
C PHE A 14 -6.21 15.69 -8.10
N SER A 15 -6.58 14.63 -8.81
CA SER A 15 -7.93 14.40 -9.29
C SER A 15 -8.25 12.91 -9.28
N PHE A 16 -9.27 12.50 -8.57
CA PHE A 16 -9.70 11.11 -8.58
C PHE A 16 -10.99 11.02 -9.37
N SER A 17 -10.97 10.21 -10.41
CA SER A 17 -12.09 9.95 -11.30
CA SER A 17 -12.17 9.98 -11.21
C SER A 17 -12.52 8.49 -11.20
N ILE A 18 -13.81 8.23 -10.93
CA ILE A 18 -14.28 6.86 -10.94
C ILE A 18 -14.91 6.55 -12.29
N ALA A 19 -14.36 5.59 -13.00
CA ALA A 19 -14.85 5.25 -14.33
C ALA A 19 -15.89 4.14 -14.34
N ALA A 20 -15.90 3.27 -13.35
CA ALA A 20 -16.89 2.19 -13.34
C ALA A 20 -17.03 1.63 -11.93
N ARG A 21 -18.19 1.05 -11.68
CA ARG A 21 -18.52 0.48 -10.40
C ARG A 21 -19.26 -0.85 -10.52
N GLU A 22 -19.13 -1.66 -9.51
CA GLU A 22 -19.86 -2.91 -9.37
C GLU A 22 -20.01 -3.22 -7.88
N GLY A 23 -21.23 -3.08 -7.37
CA GLY A 23 -21.41 -3.09 -5.92
C GLY A 23 -20.66 -1.93 -5.28
N LYS A 24 -19.88 -2.26 -4.25
CA LYS A 24 -19.04 -1.30 -3.55
C LYS A 24 -17.71 -1.09 -4.27
N ALA A 25 -17.44 -1.96 -5.25
CA ALA A 25 -16.19 -1.88 -5.99
C ALA A 25 -16.18 -0.75 -7.00
N ARG A 26 -14.99 -0.15 -7.12
CA ARG A 26 -14.74 0.95 -8.03
C ARG A 26 -13.39 0.78 -8.75
N THR A 27 -13.43 1.29 -9.97
CA THR A 27 -12.25 1.43 -10.79
C THR A 27 -12.22 2.80 -11.43
N GLY A 28 -11.00 3.35 -11.44
CA GLY A 28 -10.78 4.68 -11.97
C GLY A 28 -9.32 5.05 -11.95
N THR A 29 -9.05 6.34 -11.83
CA THR A 29 -7.72 6.87 -11.93
C THR A 29 -7.54 8.05 -10.98
N ILE A 30 -6.35 8.13 -10.42
CA ILE A 30 -5.87 9.30 -9.70
C ILE A 30 -4.83 9.98 -10.58
N GLU A 31 -5.11 11.22 -10.99
CA GLU A 31 -4.16 12.04 -11.70
C GLU A 31 -3.41 12.98 -10.74
N MET A 32 -2.09 12.97 -10.87
CA MET A 32 -1.19 13.77 -10.06
C MET A 32 -0.12 14.35 -10.99
N LYS A 33 0.67 15.30 -10.50
CA LYS A 33 1.66 15.89 -11.38
C LYS A 33 2.65 14.86 -11.90
N ARG A 34 3.08 13.88 -11.10
CA ARG A 34 4.07 12.88 -11.49
CA ARG A 34 4.10 12.95 -11.59
C ARG A 34 3.54 11.76 -12.35
N GLY A 35 2.23 11.69 -12.53
CA GLY A 35 1.69 10.59 -13.29
C GLY A 35 0.30 10.16 -12.88
N VAL A 36 -0.25 9.20 -13.62
CA VAL A 36 -1.58 8.67 -13.38
C VAL A 36 -1.48 7.36 -12.62
N ILE A 37 -2.39 7.18 -11.67
CA ILE A 37 -2.48 5.97 -10.89
C ILE A 37 -3.80 5.26 -11.19
N ARG A 38 -3.73 4.05 -11.73
CA ARG A 38 -4.91 3.26 -11.96
C ARG A 38 -5.37 2.58 -10.69
N THR A 39 -6.68 2.69 -10.47
CA THR A 39 -7.20 2.12 -9.24
C THR A 39 -8.25 1.04 -9.53
N PRO A 40 -8.41 0.01 -8.71
CA PRO A 40 -7.58 -0.33 -7.52
C PRO A 40 -6.12 -0.59 -7.82
N ALA A 41 -5.29 0.00 -6.98
CA ALA A 41 -3.86 0.07 -7.13
C ALA A 41 -3.13 -0.70 -6.03
N PHE A 42 -2.07 -1.39 -6.45
CA PHE A 42 -1.12 -1.98 -5.51
C PHE A 42 0.20 -1.21 -5.56
N MET A 43 0.65 -0.75 -4.41
CA MET A 43 1.88 0.00 -4.26
C MET A 43 3.01 -0.83 -3.66
N PRO A 44 4.02 -1.17 -4.44
CA PRO A 44 5.16 -1.88 -3.88
C PRO A 44 5.81 -1.03 -2.79
N VAL A 45 6.28 -1.70 -1.75
CA VAL A 45 6.97 -1.02 -0.66
C VAL A 45 8.47 -0.89 -0.85
N GLY A 46 8.99 0.31 -0.59
CA GLY A 46 10.39 0.63 -0.66
C GLY A 46 10.88 1.46 0.53
N THR A 47 10.92 0.83 1.67
CA THR A 47 11.38 1.32 2.97
C THR A 47 12.72 2.03 2.99
N ALA A 48 13.84 1.49 2.52
CA ALA A 48 15.14 2.15 2.49
C ALA A 48 15.44 2.81 1.15
N ALA A 49 14.49 3.45 0.53
CA ALA A 49 14.62 4.11 -0.75
C ALA A 49 15.02 3.13 -1.86
N THR A 50 14.50 1.92 -1.72
CA THR A 50 14.65 0.91 -2.75
C THR A 50 13.54 -0.12 -2.55
N VAL A 51 12.95 -0.57 -3.66
CA VAL A 51 12.01 -1.69 -3.60
C VAL A 51 12.92 -2.92 -3.62
N LYS A 52 13.00 -3.69 -2.56
CA LYS A 52 14.19 -4.53 -2.36
C LYS A 52 14.40 -5.49 -3.53
N ALA A 53 15.61 -5.51 -4.03
CA ALA A 53 16.14 -6.35 -5.10
C ALA A 53 15.63 -5.97 -6.49
N LEU A 54 15.04 -4.78 -6.65
CA LEU A 54 14.57 -4.38 -7.98
C LEU A 54 15.00 -2.98 -8.37
N LYS A 55 15.44 -2.83 -9.62
CA LYS A 55 15.65 -1.47 -10.16
C LYS A 55 14.28 -0.87 -10.39
N PRO A 56 14.16 0.44 -10.26
CA PRO A 56 12.90 1.14 -10.52
C PRO A 56 12.34 0.85 -11.91
N GLU A 57 13.20 0.68 -12.91
CA GLU A 57 12.64 0.42 -14.23
C GLU A 57 11.90 -0.92 -14.23
N THR A 58 12.41 -1.84 -13.42
CA THR A 58 11.82 -3.17 -13.27
C THR A 58 10.50 -3.07 -12.53
N VAL A 59 10.49 -2.27 -11.48
CA VAL A 59 9.25 -2.01 -10.75
C VAL A 59 8.17 -1.50 -11.70
N ARG A 60 8.56 -0.57 -12.56
CA ARG A 60 7.65 0.07 -13.51
C ARG A 60 7.24 -0.94 -14.56
N ALA A 61 8.20 -1.73 -15.03
CA ALA A 61 7.88 -2.73 -16.03
C ALA A 61 6.80 -3.68 -15.56
N THR A 62 6.79 -3.99 -14.26
CA THR A 62 5.82 -4.95 -13.77
C THR A 62 4.40 -4.36 -13.78
N GLY A 63 4.31 -3.05 -13.95
CA GLY A 63 3.05 -2.34 -13.95
C GLY A 63 2.79 -1.39 -12.81
N ALA A 64 3.65 -1.28 -11.81
CA ALA A 64 3.38 -0.29 -10.78
C ALA A 64 3.32 1.15 -11.31
N ASP A 65 2.36 1.90 -10.79
CA ASP A 65 2.14 3.30 -11.09
C ASP A 65 2.66 4.24 -10.00
N ILE A 66 2.81 3.66 -8.81
CA ILE A 66 3.18 4.35 -7.58
C ILE A 66 3.80 3.35 -6.63
N ILE A 67 4.76 3.84 -5.85
CA ILE A 67 5.41 3.02 -4.84
C ILE A 67 5.29 3.71 -3.48
N LEU A 68 5.57 2.94 -2.42
CA LEU A 68 5.52 3.49 -1.08
C LEU A 68 6.91 3.63 -0.46
N GLY A 69 7.09 4.77 0.19
CA GLY A 69 8.26 5.12 0.97
C GLY A 69 7.90 5.36 2.41
N ASN A 70 8.87 5.55 3.30
CA ASN A 70 8.60 5.55 4.73
C ASN A 70 9.22 6.71 5.47
N THR A 71 8.46 7.47 6.25
CA THR A 71 9.06 8.55 7.03
C THR A 71 10.05 8.01 8.06
N TYR A 72 9.68 6.96 8.81
CA TYR A 72 10.48 6.48 9.92
C TYR A 72 11.86 5.99 9.47
N HIS A 73 11.84 5.08 8.50
CA HIS A 73 13.12 4.48 8.07
C HIS A 73 14.05 5.49 7.43
N LEU A 74 13.51 6.35 6.55
CA LEU A 74 14.39 7.29 5.86
C LEU A 74 14.86 8.40 6.78
N MET A 75 14.09 8.78 7.78
CA MET A 75 14.58 9.82 8.68
C MET A 75 15.80 9.31 9.42
N LEU A 76 15.84 8.01 9.71
CA LEU A 76 16.97 7.41 10.41
C LEU A 76 18.13 7.19 9.44
N ARG A 77 17.85 6.61 8.25
CA ARG A 77 18.90 6.50 7.26
C ARG A 77 18.35 6.54 5.84
N PRO A 78 18.88 7.38 4.98
CA PRO A 78 20.06 8.21 5.21
C PRO A 78 19.84 9.58 5.84
N GLY A 79 18.63 9.95 6.24
CA GLY A 79 18.32 11.25 6.80
C GLY A 79 17.46 12.06 5.86
N ALA A 80 16.44 12.74 6.37
CA ALA A 80 15.52 13.44 5.46
C ALA A 80 16.17 14.69 4.88
N GLU A 81 16.81 15.44 5.76
CA GLU A 81 17.54 16.63 5.27
C GLU A 81 18.55 16.22 4.20
N ARG A 82 19.29 15.12 4.47
CA ARG A 82 20.26 14.68 3.46
C ARG A 82 19.59 14.37 2.13
N ILE A 83 18.48 13.64 2.17
CA ILE A 83 17.85 13.35 0.88
C ILE A 83 17.37 14.61 0.19
N ALA A 84 16.80 15.55 0.96
CA ALA A 84 16.43 16.83 0.33
C ALA A 84 17.65 17.53 -0.29
N LYS A 85 18.78 17.53 0.41
CA LYS A 85 19.98 18.16 -0.15
C LYS A 85 20.39 17.51 -1.48
N LEU A 86 20.12 16.21 -1.56
CA LEU A 86 20.47 15.43 -2.74
CA LEU A 86 20.51 15.50 -2.78
C LEU A 86 19.46 15.55 -3.87
N GLY A 87 18.39 16.33 -3.63
CA GLY A 87 17.44 16.54 -4.71
C GLY A 87 16.11 15.86 -4.53
N GLY A 88 15.94 15.22 -3.39
CA GLY A 88 14.65 14.59 -3.09
C GLY A 88 14.64 13.10 -3.36
N LEU A 89 13.63 12.39 -2.85
CA LEU A 89 13.63 10.93 -2.97
C LEU A 89 13.53 10.47 -4.41
N HIS A 90 12.75 11.20 -5.22
CA HIS A 90 12.55 10.71 -6.59
C HIS A 90 13.89 10.64 -7.33
N SER A 91 14.64 11.72 -7.23
CA SER A 91 15.96 11.78 -7.86
C SER A 91 16.95 10.79 -7.25
N PHE A 92 16.97 10.76 -5.92
CA PHE A 92 17.85 9.85 -5.18
C PHE A 92 17.73 8.42 -5.66
N MET A 93 16.53 7.85 -5.67
CA MET A 93 16.40 6.42 -5.95
C MET A 93 16.04 6.14 -7.39
N GLY A 94 15.79 7.17 -8.18
CA GLY A 94 15.57 6.94 -9.60
C GLY A 94 14.16 6.54 -9.98
N TRP A 95 13.18 6.96 -9.19
CA TRP A 95 11.77 6.73 -9.50
C TRP A 95 11.10 8.08 -9.75
N ASP A 96 10.62 8.35 -10.96
CA ASP A 96 10.07 9.65 -11.29
C ASP A 96 8.54 9.76 -11.23
N ARG A 97 7.85 8.70 -10.87
CA ARG A 97 6.40 8.62 -10.77
C ARG A 97 5.95 8.91 -9.34
N PRO A 98 4.68 8.96 -9.03
CA PRO A 98 4.26 9.25 -7.65
C PRO A 98 4.88 8.32 -6.63
N ILE A 99 5.13 8.88 -5.45
CA ILE A 99 5.49 8.17 -4.24
C ILE A 99 4.53 8.54 -3.11
N LEU A 100 4.00 7.54 -2.44
CA LEU A 100 3.24 7.75 -1.21
C LEU A 100 4.19 7.47 -0.06
N THR A 101 4.20 8.32 0.99
CA THR A 101 5.01 8.03 2.14
C THR A 101 4.15 7.81 3.39
N ASP A 102 4.41 6.72 4.12
CA ASP A 102 3.68 6.57 5.38
C ASP A 102 4.26 7.56 6.39
N SER A 103 3.57 7.87 7.46
CA SER A 103 3.94 9.02 8.29
C SER A 103 4.85 8.69 9.48
N GLY A 104 5.05 7.40 9.71
CA GLY A 104 5.80 6.84 10.81
C GLY A 104 4.90 6.44 11.98
N GLY A 105 3.60 6.54 11.81
CA GLY A 105 2.57 6.23 12.78
C GLY A 105 2.47 4.74 13.07
N TYR A 106 2.99 3.94 12.15
CA TYR A 106 3.06 2.50 12.29
C TYR A 106 4.52 2.09 12.62
N GLN A 117 5.76 8.49 24.26
CA GLN A 117 4.44 8.82 23.76
C GLN A 117 3.82 9.96 24.57
N SER A 118 3.59 11.11 23.94
CA SER A 118 2.83 12.19 24.56
C SER A 118 1.92 12.82 23.50
N GLU A 119 1.11 13.78 23.92
CA GLU A 119 0.18 14.42 22.98
C GLU A 119 0.94 15.17 21.90
N GLU A 120 2.19 15.55 22.16
CA GLU A 120 3.02 16.28 21.24
C GLU A 120 3.53 15.41 20.09
N GLY A 121 3.84 14.16 20.39
CA GLY A 121 4.34 13.18 19.45
C GLY A 121 5.05 12.01 20.13
N VAL A 122 6.05 11.46 19.45
CA VAL A 122 6.76 10.26 19.85
C VAL A 122 8.27 10.46 19.78
N THR A 123 8.95 10.15 20.88
CA THR A 123 10.40 10.24 20.93
C THR A 123 10.99 8.85 20.95
N PHE A 124 12.09 8.66 20.23
CA PHE A 124 12.70 7.33 20.15
C PHE A 124 14.18 7.39 19.76
N MET A 134 12.40 11.56 17.77
CA MET A 134 11.26 12.46 17.87
C MET A 134 10.46 12.56 16.58
N LEU A 135 9.18 12.29 16.71
CA LEU A 135 8.19 12.44 15.65
C LEU A 135 6.90 13.04 16.24
N SER A 136 6.40 14.11 15.64
CA SER A 136 5.14 14.76 15.92
C SER A 136 4.43 14.96 14.59
N PRO A 137 3.16 15.32 14.56
CA PRO A 137 2.51 15.62 13.26
C PRO A 137 3.32 16.59 12.40
N GLU A 138 3.79 17.67 13.01
CA GLU A 138 4.51 18.69 12.26
C GLU A 138 5.82 18.19 11.68
N ARG A 139 6.60 17.43 12.43
CA ARG A 139 7.89 16.92 11.95
C ARG A 139 7.71 15.88 10.86
N SER A 140 6.71 15.02 11.06
CA SER A 140 6.31 13.99 10.10
C SER A 140 5.98 14.60 8.75
N ILE A 141 5.09 15.60 8.80
CA ILE A 141 4.71 16.26 7.56
C ILE A 141 5.95 16.93 6.96
N GLU A 142 6.81 17.49 7.81
CA GLU A 142 8.02 18.13 7.31
C GLU A 142 8.98 17.15 6.65
N ILE A 143 9.14 15.99 7.28
CA ILE A 143 10.01 14.99 6.67
C ILE A 143 9.46 14.56 5.32
N GLN A 144 8.15 14.38 5.21
CA GLN A 144 7.56 13.93 3.93
C GLN A 144 7.78 14.98 2.86
N HIS A 145 7.71 16.24 3.29
CA HIS A 145 8.05 17.37 2.42
C HIS A 145 9.49 17.29 1.94
N LEU A 146 10.42 17.08 2.87
CA LEU A 146 11.86 16.98 2.58
C LEU A 146 12.12 15.85 1.60
N LEU A 147 11.43 14.72 1.77
CA LEU A 147 11.55 13.63 0.82
C LEU A 147 10.94 13.93 -0.53
N GLY A 148 10.01 14.85 -0.60
CA GLY A 148 9.31 15.21 -1.84
C GLY A 148 8.20 14.26 -2.21
N SER A 149 7.58 13.70 -1.20
CA SER A 149 6.48 12.76 -1.34
C SER A 149 5.32 13.34 -2.12
N ASP A 150 4.63 12.60 -2.95
CA ASP A 150 3.44 13.08 -3.66
C ASP A 150 2.15 12.90 -2.87
N ILE A 151 2.03 11.76 -2.20
CA ILE A 151 0.91 11.51 -1.31
C ILE A 151 1.46 11.35 0.11
N VAL A 152 1.16 12.32 0.94
CA VAL A 152 1.57 12.50 2.31
C VAL A 152 0.53 11.88 3.20
N MET A 153 0.91 11.07 4.18
CA MET A 153 -0.07 10.52 5.10
C MET A 153 -0.06 11.32 6.39
N ALA A 154 -1.21 11.56 6.99
CA ALA A 154 -1.31 12.16 8.31
C ALA A 154 -0.55 11.28 9.31
N PHE A 155 0.03 11.93 10.29
CA PHE A 155 0.67 11.28 11.43
C PHE A 155 -0.41 10.83 12.41
N ASP A 156 -0.48 9.53 12.64
CA ASP A 156 -1.39 8.82 13.49
C ASP A 156 -0.63 8.00 14.53
N GLU A 157 -1.28 7.42 15.46
CA GLU A 157 -1.19 6.44 16.50
C GLU A 157 -1.97 5.20 16.06
N CYS A 158 -1.25 4.18 15.59
CA CYS A 158 -1.86 2.93 15.17
C CYS A 158 -2.06 2.02 16.40
N THR A 159 -3.29 1.86 16.81
CA THR A 159 -3.91 1.17 17.93
C THR A 159 -3.64 -0.33 17.87
N PRO A 160 -2.89 -0.85 18.81
CA PRO A 160 -2.68 -2.31 18.89
C PRO A 160 -3.98 -3.11 19.01
N TYR A 161 -3.93 -4.36 18.56
CA TYR A 161 -5.03 -5.30 18.60
C TYR A 161 -4.61 -6.47 19.50
N PRO A 162 -5.42 -6.87 20.46
CA PRO A 162 -6.75 -6.31 20.71
C PRO A 162 -6.62 -5.03 21.56
N ALA A 163 -7.63 -4.20 21.47
CA ALA A 163 -7.76 -2.97 22.24
C ALA A 163 -9.10 -2.88 22.97
N THR A 164 -9.08 -2.45 24.24
CA THR A 164 -10.41 -2.28 24.84
C THR A 164 -11.05 -1.05 24.22
N PRO A 165 -12.35 -0.90 24.31
CA PRO A 165 -13.03 0.25 23.73
C PRO A 165 -12.49 1.58 24.25
N SER A 166 -12.12 1.67 25.52
CA SER A 166 -11.65 2.92 26.11
C SER A 166 -10.35 3.38 25.49
N ARG A 167 -9.40 2.47 25.39
CA ARG A 167 -8.10 2.68 24.78
C ARG A 167 -8.19 2.93 23.29
N ALA A 168 -9.08 2.17 22.64
CA ALA A 168 -9.24 2.44 21.20
C ALA A 168 -9.77 3.86 21.01
N ALA A 169 -10.68 4.30 21.88
CA ALA A 169 -11.25 5.63 21.81
C ALA A 169 -10.23 6.70 22.08
N SER A 170 -9.46 6.52 23.15
CA SER A 170 -8.42 7.50 23.45
C SER A 170 -7.43 7.63 22.31
N SER A 171 -7.08 6.50 21.72
CA SER A 171 -6.07 6.52 20.68
C SER A 171 -6.64 7.13 19.40
N MET A 172 -7.90 6.77 19.13
CA MET A 172 -8.55 7.32 17.95
C MET A 172 -8.64 8.83 18.09
N GLU A 173 -9.01 9.32 19.26
CA GLU A 173 -9.20 10.74 19.48
C GLU A 173 -7.88 11.49 19.30
N ARG A 174 -6.82 10.87 19.81
CA ARG A 174 -5.51 11.49 19.66
C ARG A 174 -5.17 11.58 18.18
N SER A 175 -5.44 10.49 17.44
CA SER A 175 -5.16 10.53 16.02
C SER A 175 -5.94 11.61 15.31
N MET A 176 -7.19 11.83 15.74
CA MET A 176 -7.94 12.86 15.03
C MET A 176 -7.36 14.24 15.32
N ARG A 177 -6.88 14.45 16.54
CA ARG A 177 -6.26 15.72 16.87
C ARG A 177 -5.00 15.91 16.01
N TRP A 178 -4.27 14.80 15.88
CA TRP A 178 -3.04 14.76 15.12
C TRP A 178 -3.35 14.92 13.63
N ALA A 179 -4.54 14.47 13.22
CA ALA A 179 -5.00 14.63 11.84
C ALA A 179 -5.16 16.10 11.49
N LYS A 180 -5.76 16.84 12.41
CA LYS A 180 -5.93 18.29 12.21
C LYS A 180 -4.60 18.99 12.17
N ARG A 181 -3.72 18.55 13.08
CA ARG A 181 -2.38 19.12 13.11
C ARG A 181 -1.62 18.83 11.82
N SER A 182 -1.80 17.63 11.27
CA SER A 182 -1.20 17.27 10.00
C SER A 182 -1.67 18.15 8.86
N ARG A 183 -3.01 18.26 8.79
CA ARG A 183 -3.63 19.13 7.79
C ARG A 183 -3.10 20.56 7.82
N ASP A 184 -3.05 21.16 9.01
CA ASP A 184 -2.55 22.53 9.13
C ASP A 184 -1.08 22.64 8.76
N ALA A 185 -0.24 21.70 9.17
CA ALA A 185 1.16 21.75 8.80
C ALA A 185 1.36 21.64 7.29
N PHE A 186 0.62 20.72 6.67
CA PHE A 186 0.72 20.56 5.22
C PHE A 186 0.31 21.85 4.52
N ASP A 187 -0.82 22.40 4.97
CA ASP A 187 -1.37 23.59 4.34
C ASP A 187 -0.48 24.82 4.50
N SER A 188 0.35 24.86 5.52
CA SER A 188 1.22 25.96 5.89
CA SER A 188 1.17 26.03 5.82
C SER A 188 2.48 26.02 5.05
N ARG A 189 2.67 24.96 4.26
CA ARG A 189 3.83 24.81 3.42
C ARG A 189 3.41 24.85 1.97
N LYS A 190 3.54 26.03 1.36
CA LYS A 190 2.92 26.31 0.08
C LYS A 190 3.28 25.34 -1.01
N GLU A 191 4.57 25.06 -1.14
CA GLU A 191 5.04 24.18 -2.19
C GLU A 191 4.43 22.79 -2.03
N GLN A 192 4.29 22.35 -0.79
CA GLN A 192 3.69 21.07 -0.48
C GLN A 192 2.20 21.08 -0.80
N ALA A 193 1.52 22.10 -0.28
CA ALA A 193 0.07 22.17 -0.48
C ALA A 193 -0.28 22.24 -1.95
N GLU A 194 0.65 22.77 -2.77
CA GLU A 194 0.33 23.04 -4.17
C GLU A 194 0.65 21.87 -5.07
N ASN A 195 1.55 20.98 -4.61
CA ASN A 195 2.03 19.95 -5.52
C ASN A 195 1.81 18.53 -5.00
N ALA A 196 1.53 18.37 -3.71
CA ALA A 196 1.31 17.04 -3.16
C ALA A 196 -0.14 16.90 -2.68
N ALA A 197 -0.48 15.71 -2.25
CA ALA A 197 -1.79 15.38 -1.68
C ALA A 197 -1.65 14.88 -0.25
N LEU A 198 -2.70 15.03 0.54
CA LEU A 198 -2.75 14.66 1.94
C LEU A 198 -3.88 13.66 2.24
N PHE A 199 -3.53 12.51 2.80
CA PHE A 199 -4.53 11.50 3.17
C PHE A 199 -4.67 11.44 4.70
N GLY A 200 -5.90 11.32 5.18
CA GLY A 200 -6.26 11.15 6.57
C GLY A 200 -6.33 9.66 6.86
N ILE A 201 -6.09 9.24 8.11
CA ILE A 201 -6.19 7.82 8.47
C ILE A 201 -7.22 7.57 9.57
N GLN A 202 -8.22 6.78 9.21
CA GLN A 202 -9.26 6.38 10.15
C GLN A 202 -8.73 5.32 11.08
N GLN A 203 -8.88 5.42 12.37
CA GLN A 203 -8.67 4.55 13.50
C GLN A 203 -10.00 4.18 14.14
N GLY A 204 -9.95 3.57 15.32
CA GLY A 204 -11.14 3.06 15.96
C GLY A 204 -11.19 1.58 16.19
N SER A 205 -10.09 0.88 15.93
CA SER A 205 -10.04 -0.57 16.16
C SER A 205 -11.17 -1.28 15.42
N VAL A 206 -11.90 -2.17 16.09
CA VAL A 206 -12.96 -2.95 15.47
C VAL A 206 -14.35 -2.43 15.85
N PHE A 207 -14.39 -1.26 16.45
CA PHE A 207 -15.64 -0.71 16.99
C PHE A 207 -16.33 0.23 16.03
N GLU A 208 -17.55 -0.08 15.64
CA GLU A 208 -18.28 0.70 14.65
C GLU A 208 -18.48 2.14 15.04
N ASN A 209 -18.82 2.37 16.30
CA ASN A 209 -19.09 3.75 16.71
C ASN A 209 -17.81 4.58 16.65
N LEU A 210 -16.67 4.01 17.03
N LEU A 210 -16.67 4.01 17.03
CA LEU A 210 -15.44 4.80 16.96
CA LEU A 210 -15.40 4.75 16.96
C LEU A 210 -14.99 5.02 15.52
C LEU A 210 -14.97 5.02 15.52
N ARG A 211 -15.21 4.03 14.67
CA ARG A 211 -14.89 4.19 13.24
C ARG A 211 -15.69 5.34 12.66
N GLN A 212 -16.96 5.40 13.06
CA GLN A 212 -17.84 6.46 12.57
C GLN A 212 -17.38 7.80 13.09
N GLN A 213 -17.02 7.89 14.38
CA GLN A 213 -16.53 9.16 14.90
C GLN A 213 -15.27 9.63 14.20
N SER A 214 -14.42 8.64 13.94
CA SER A 214 -13.19 8.96 13.22
C SER A 214 -13.47 9.43 11.82
N ALA A 215 -14.28 8.66 11.07
CA ALA A 215 -14.63 9.11 9.73
C ALA A 215 -15.22 10.51 9.70
N ASP A 216 -16.14 10.80 10.61
CA ASP A 216 -16.76 12.11 10.67
C ASP A 216 -15.71 13.20 10.87
N ALA A 217 -14.80 12.94 11.80
CA ALA A 217 -13.79 13.95 12.13
C ALA A 217 -12.89 14.24 10.94
N LEU A 218 -12.51 13.15 10.25
CA LEU A 218 -11.62 13.29 9.10
C LEU A 218 -12.33 14.04 7.98
N ALA A 219 -13.60 13.70 7.77
CA ALA A 219 -14.36 14.35 6.69
C ALA A 219 -14.53 15.83 6.98
N GLU A 220 -14.72 16.14 8.26
CA GLU A 220 -14.87 17.54 8.63
C GLU A 220 -13.59 18.33 8.41
N ILE A 221 -12.46 17.72 8.76
CA ILE A 221 -11.18 18.35 8.45
C ILE A 221 -11.01 18.47 6.95
N GLY A 222 -11.20 17.36 6.24
CA GLY A 222 -11.17 17.33 4.79
C GLY A 222 -9.82 16.86 4.29
N PHE A 223 -9.82 15.80 3.50
CA PHE A 223 -8.57 15.27 2.94
C PHE A 223 -8.74 14.91 1.48
N ASP A 224 -7.61 14.62 0.85
CA ASP A 224 -7.63 14.24 -0.56
C ASP A 224 -7.96 12.78 -0.76
N GLY A 225 -7.74 11.99 0.30
CA GLY A 225 -8.04 10.58 0.28
C GLY A 225 -8.09 10.08 1.72
N TYR A 226 -8.64 8.90 1.96
CA TYR A 226 -8.88 8.40 3.30
C TYR A 226 -8.40 6.98 3.41
N ALA A 227 -7.53 6.74 4.38
CA ALA A 227 -7.04 5.39 4.63
C ALA A 227 -7.78 4.75 5.79
N VAL A 228 -7.85 3.43 5.72
CA VAL A 228 -8.37 2.67 6.84
C VAL A 228 -7.14 2.15 7.57
N GLY A 229 -6.90 2.73 8.74
CA GLY A 229 -5.75 2.34 9.53
C GLY A 229 -6.18 1.31 10.55
N GLY A 230 -5.19 0.79 11.28
CA GLY A 230 -5.43 -0.08 12.40
C GLY A 230 -5.98 -1.45 12.07
N LEU A 231 -5.87 -1.89 10.83
CA LEU A 231 -6.24 -3.26 10.49
C LEU A 231 -5.02 -4.03 10.04
N ALA A 232 -5.24 -5.31 9.78
CA ALA A 232 -4.06 -6.10 9.47
C ALA A 232 -3.02 -6.05 10.59
N VAL A 233 -3.47 -6.16 11.84
CA VAL A 233 -2.55 -6.06 12.96
C VAL A 233 -2.72 -7.21 13.96
N GLY A 234 -3.31 -8.26 13.45
CA GLY A 234 -3.56 -9.53 14.07
C GLY A 234 -4.98 -10.01 14.19
N GLU A 235 -5.98 -9.27 13.71
CA GLU A 235 -7.38 -9.63 13.93
C GLU A 235 -7.89 -10.72 13.01
N GLY A 236 -7.20 -11.00 11.90
CA GLY A 236 -7.71 -12.06 11.03
C GLY A 236 -8.61 -11.53 9.94
N GLN A 237 -8.66 -12.27 8.82
CA GLN A 237 -9.41 -11.82 7.66
C GLN A 237 -10.89 -11.63 7.91
N ASP A 238 -11.51 -12.62 8.55
CA ASP A 238 -12.94 -12.50 8.83
C ASP A 238 -13.23 -11.21 9.58
N GLU A 239 -12.48 -10.91 10.65
CA GLU A 239 -12.75 -9.69 11.41
C GLU A 239 -12.41 -8.43 10.63
N MET A 240 -11.32 -8.53 9.88
CA MET A 240 -10.94 -7.39 9.07
C MET A 240 -12.04 -7.04 8.09
N PHE A 241 -12.55 -8.09 7.44
CA PHE A 241 -13.60 -7.85 6.45
C PHE A 241 -14.87 -7.36 7.13
N ARG A 242 -15.14 -7.87 8.32
CA ARG A 242 -16.33 -7.38 9.03
C ARG A 242 -16.24 -5.90 9.35
N VAL A 243 -15.08 -5.43 9.78
CA VAL A 243 -14.89 -4.01 10.06
C VAL A 243 -14.95 -3.17 8.79
N LEU A 244 -14.33 -3.69 7.72
CA LEU A 244 -14.40 -2.99 6.45
C LEU A 244 -15.84 -2.83 5.98
N ASP A 245 -16.65 -3.87 6.20
CA ASP A 245 -18.07 -3.83 5.79
C ASP A 245 -18.77 -2.55 6.22
N PHE A 246 -18.55 -2.11 7.47
CA PHE A 246 -19.22 -0.90 7.94
C PHE A 246 -18.32 0.32 7.87
N SER A 247 -17.01 0.12 7.85
CA SER A 247 -16.15 1.29 7.94
C SER A 247 -15.98 2.02 6.62
N VAL A 248 -15.80 1.30 5.51
CA VAL A 248 -15.54 1.98 4.23
C VAL A 248 -16.71 2.80 3.79
N PRO A 249 -17.96 2.40 3.90
CA PRO A 249 -19.00 3.34 3.53
C PRO A 249 -19.04 4.59 4.40
N MET A 250 -18.33 4.66 5.52
CA MET A 250 -18.33 5.91 6.28
C MET A 250 -17.45 6.99 5.68
N LEU A 251 -16.58 6.57 4.77
CA LEU A 251 -15.61 7.49 4.17
C LEU A 251 -16.28 8.20 2.99
N PRO A 252 -15.89 9.42 2.68
CA PRO A 252 -16.34 10.06 1.45
C PRO A 252 -16.15 9.13 0.26
N ASP A 253 -17.27 8.96 -0.45
CA ASP A 253 -17.33 8.07 -1.60
C ASP A 253 -16.48 8.58 -2.76
N ASP A 254 -16.39 9.89 -2.92
CA ASP A 254 -15.76 10.54 -4.07
C ASP A 254 -14.27 10.69 -3.90
N LYS A 255 -13.72 10.11 -2.83
CA LYS A 255 -12.27 10.16 -2.63
C LYS A 255 -11.67 8.77 -2.55
N PRO A 256 -10.39 8.57 -2.84
CA PRO A 256 -9.84 7.21 -2.68
C PRO A 256 -9.85 6.69 -1.25
N HIS A 257 -10.00 5.37 -1.15
CA HIS A 257 -10.00 4.58 0.07
C HIS A 257 -8.79 3.67 0.10
N TYR A 258 -7.88 3.87 1.04
CA TYR A 258 -6.61 3.14 1.09
C TYR A 258 -6.58 2.23 2.30
N LEU A 259 -6.43 0.94 2.05
CA LEU A 259 -6.21 -0.01 3.14
C LEU A 259 -4.74 -0.28 3.40
N MET A 260 -4.30 0.24 4.55
CA MET A 260 -2.87 0.21 4.84
C MET A 260 -2.36 -1.16 5.24
N GLY A 261 -1.34 -1.65 4.57
CA GLY A 261 -0.69 -2.87 5.01
C GLY A 261 -1.29 -4.15 4.50
N VAL A 262 -2.27 -4.04 3.62
CA VAL A 262 -2.94 -5.22 3.07
C VAL A 262 -2.55 -5.43 1.61
N GLY A 263 -2.26 -6.63 1.21
CA GLY A 263 -2.23 -7.85 1.96
C GLY A 263 -2.06 -9.04 1.03
N LYS A 264 -2.47 -10.22 1.44
CA LYS A 264 -2.47 -11.40 0.60
C LYS A 264 -3.42 -11.20 -0.57
N PRO A 265 -3.22 -11.91 -1.68
CA PRO A 265 -4.08 -11.76 -2.86
C PRO A 265 -5.55 -11.86 -2.48
N ASP A 266 -5.95 -12.81 -1.64
CA ASP A 266 -7.38 -12.91 -1.32
C ASP A 266 -7.87 -11.79 -0.41
N ASP A 267 -7.00 -11.24 0.43
CA ASP A 267 -7.33 -10.05 1.20
C ASP A 267 -7.70 -8.88 0.28
N ILE A 268 -6.87 -8.73 -0.74
CA ILE A 268 -6.98 -7.63 -1.71
C ILE A 268 -8.33 -7.75 -2.41
N VAL A 269 -8.65 -8.94 -2.93
CA VAL A 269 -9.89 -9.10 -3.67
C VAL A 269 -11.09 -8.76 -2.79
N GLY A 270 -11.10 -9.29 -1.57
CA GLY A 270 -12.22 -9.03 -0.68
C GLY A 270 -12.32 -7.59 -0.29
N ALA A 271 -11.15 -6.95 -0.16
CA ALA A 271 -11.18 -5.55 0.26
C ALA A 271 -11.71 -4.68 -0.87
N VAL A 272 -11.38 -5.05 -2.11
CA VAL A 272 -11.94 -4.28 -3.25
C VAL A 272 -13.45 -4.46 -3.31
N GLU A 273 -13.94 -5.66 -3.01
CA GLU A 273 -15.36 -5.93 -2.95
C GLU A 273 -16.05 -5.08 -1.89
N ARG A 274 -15.29 -4.53 -0.96
CA ARG A 274 -15.81 -3.70 0.12
C ARG A 274 -15.48 -2.24 -0.07
N GLY A 275 -14.94 -1.88 -1.23
CA GLY A 275 -14.75 -0.50 -1.61
C GLY A 275 -13.39 0.14 -1.46
N ILE A 276 -12.38 -0.70 -1.28
CA ILE A 276 -10.99 -0.22 -1.20
C ILE A 276 -10.39 -0.01 -2.59
N ASP A 277 -9.68 1.11 -2.76
CA ASP A 277 -9.03 1.49 -3.99
C ASP A 277 -7.50 1.40 -4.00
N MET A 278 -6.86 1.33 -2.84
CA MET A 278 -5.41 1.37 -2.78
C MET A 278 -4.90 0.47 -1.65
N PHE A 279 -3.75 -0.13 -1.92
CA PHE A 279 -3.10 -1.12 -1.10
C PHE A 279 -1.60 -0.97 -1.09
N ASP A 280 -1.00 -1.27 0.06
CA ASP A 280 0.44 -1.48 0.12
C ASP A 280 0.72 -2.71 0.97
N CYS A 281 1.82 -3.39 0.70
CA CYS A 281 2.15 -4.55 1.56
C CYS A 281 3.56 -5.04 1.33
N VAL A 282 4.26 -5.51 2.36
CA VAL A 282 5.61 -6.02 2.10
C VAL A 282 5.62 -7.46 1.63
N LEU A 283 4.46 -8.10 1.63
CA LEU A 283 4.39 -9.54 1.37
C LEU A 283 5.09 -9.95 0.07
N PRO A 284 4.76 -9.36 -1.06
CA PRO A 284 5.35 -9.83 -2.32
C PRO A 284 6.86 -9.76 -2.34
N THR A 285 7.40 -8.72 -1.74
CA THR A 285 8.86 -8.55 -1.72
C THR A 285 9.52 -9.45 -0.69
N ARG A 286 9.08 -9.27 0.56
CA ARG A 286 9.66 -10.04 1.66
C ARG A 286 9.52 -11.53 1.48
N SER A 287 8.30 -11.97 1.20
CA SER A 287 8.05 -13.41 1.09
CA SER A 287 8.09 -13.42 1.13
C SER A 287 8.76 -13.93 -0.13
N GLY A 288 8.91 -13.09 -1.15
CA GLY A 288 9.70 -13.51 -2.31
C GLY A 288 11.12 -13.88 -1.91
N ARG A 289 11.78 -13.03 -1.13
CA ARG A 289 13.17 -13.35 -0.76
C ARG A 289 13.23 -14.57 0.11
N ASN A 290 12.10 -14.92 0.72
CA ASN A 290 12.01 -16.10 1.59
C ASN A 290 11.59 -17.35 0.84
N GLY A 291 11.41 -17.26 -0.46
CA GLY A 291 11.08 -18.41 -1.27
C GLY A 291 9.63 -18.60 -1.60
N GLN A 292 8.80 -17.68 -1.11
CA GLN A 292 7.37 -17.81 -1.40
C GLN A 292 7.00 -17.10 -2.69
N ALA A 293 6.47 -17.83 -3.65
CA ALA A 293 6.01 -17.37 -4.95
C ALA A 293 4.48 -17.38 -5.03
N PHE A 294 3.88 -16.25 -5.41
CA PHE A 294 2.44 -16.27 -5.62
C PHE A 294 2.08 -16.81 -6.98
N THR A 295 1.05 -17.66 -7.06
CA THR A 295 0.53 -18.18 -8.32
C THR A 295 -1.00 -18.15 -8.31
N TRP A 296 -1.63 -18.32 -9.46
CA TRP A 296 -3.09 -18.31 -9.54
C TRP A 296 -3.68 -19.55 -8.89
N ASP A 297 -2.86 -20.58 -8.78
CA ASP A 297 -3.13 -21.77 -7.96
C ASP A 297 -2.73 -21.70 -6.50
N GLY A 298 -2.41 -20.53 -5.96
CA GLY A 298 -2.00 -20.40 -4.57
C GLY A 298 -0.52 -20.16 -4.43
N PRO A 299 -0.06 -19.81 -3.24
CA PRO A 299 1.38 -19.60 -3.05
C PRO A 299 2.09 -20.96 -3.07
N ILE A 300 3.36 -20.95 -3.44
CA ILE A 300 4.21 -22.14 -3.36
C ILE A 300 5.50 -21.78 -2.64
N ASN A 301 6.18 -22.71 -2.01
CA ASN A 301 7.48 -22.37 -1.46
C ASN A 301 8.55 -23.01 -2.36
N ILE A 302 9.23 -22.14 -3.09
CA ILE A 302 10.09 -22.67 -4.15
C ILE A 302 11.25 -23.48 -3.63
N ARG A 303 11.59 -23.39 -2.35
CA ARG A 303 12.68 -24.20 -1.81
CA ARG A 303 12.63 -24.17 -1.70
C ARG A 303 12.33 -25.66 -1.56
N ASN A 304 11.06 -26.00 -1.60
CA ASN A 304 10.61 -27.38 -1.40
C ASN A 304 11.25 -28.27 -2.47
N ALA A 305 11.67 -29.45 -2.03
CA ALA A 305 12.37 -30.36 -2.91
C ALA A 305 11.56 -30.76 -4.13
N ARG A 306 10.24 -30.66 -4.09
CA ARG A 306 9.43 -31.03 -5.24
C ARG A 306 9.68 -30.14 -6.45
N PHE A 307 10.42 -29.03 -6.27
CA PHE A 307 10.64 -28.17 -7.46
C PHE A 307 12.03 -28.36 -8.04
N SER A 308 12.82 -29.29 -7.49
CA SER A 308 14.25 -29.24 -7.82
C SER A 308 14.47 -29.61 -9.28
N GLU A 309 13.52 -30.27 -9.93
CA GLU A 309 13.71 -30.69 -11.32
C GLU A 309 12.51 -30.25 -12.15
N ASP A 310 11.80 -29.23 -11.67
CA ASP A 310 10.56 -28.77 -12.30
C ASP A 310 10.88 -27.73 -13.36
N LEU A 311 10.78 -28.08 -14.64
CA LEU A 311 11.11 -27.08 -15.65
C LEU A 311 10.01 -26.07 -15.93
N LYS A 312 8.84 -26.18 -15.33
CA LYS A 312 7.81 -25.16 -15.57
C LYS A 312 8.19 -23.84 -14.93
N PRO A 313 7.71 -22.72 -15.48
CA PRO A 313 7.94 -21.42 -14.81
C PRO A 313 7.16 -21.33 -13.51
N LEU A 314 7.45 -20.33 -12.68
CA LEU A 314 6.76 -20.18 -11.38
C LEU A 314 5.24 -20.31 -11.46
N ASP A 315 4.71 -19.56 -12.41
CA ASP A 315 3.27 -19.60 -12.67
C ASP A 315 3.04 -19.74 -14.17
N SER A 316 2.06 -20.56 -14.52
CA SER A 316 1.80 -21.05 -15.87
C SER A 316 1.24 -20.01 -16.82
N GLU A 317 0.61 -18.99 -16.26
CA GLU A 317 -0.04 -17.97 -17.08
C GLU A 317 0.65 -16.61 -16.98
N CYS A 318 1.44 -16.42 -15.93
CA CYS A 318 2.09 -15.15 -15.67
C CYS A 318 2.92 -14.73 -16.90
N HIS A 319 2.87 -13.47 -17.24
CA HIS A 319 3.38 -12.69 -18.33
C HIS A 319 4.71 -12.07 -17.98
N CYS A 320 5.11 -12.24 -16.72
CA CYS A 320 6.37 -11.57 -16.35
C CYS A 320 7.57 -12.20 -17.05
N ALA A 321 8.66 -11.42 -17.12
CA ALA A 321 9.86 -11.85 -17.80
C ALA A 321 10.49 -13.04 -17.10
N VAL A 322 10.31 -13.12 -15.78
CA VAL A 322 10.89 -14.24 -15.03
C VAL A 322 10.26 -15.54 -15.53
N CYS A 323 8.94 -15.51 -15.68
CA CYS A 323 8.27 -16.75 -16.09
C CYS A 323 8.45 -16.97 -17.59
N GLN A 324 8.84 -15.92 -18.31
CA GLN A 324 9.14 -16.14 -19.72
C GLN A 324 10.40 -16.98 -19.88
N LYS A 325 11.33 -16.80 -18.94
CA LYS A 325 12.65 -17.32 -19.17
C LYS A 325 13.18 -18.36 -18.20
N TRP A 326 12.78 -18.38 -16.94
CA TRP A 326 13.48 -19.26 -15.99
C TRP A 326 12.56 -20.32 -15.39
N SER A 327 13.14 -21.48 -15.10
CA SER A 327 12.39 -22.57 -14.51
C SER A 327 12.32 -22.49 -12.99
N ARG A 328 11.30 -23.14 -12.46
CA ARG A 328 11.19 -23.38 -11.03
C ARG A 328 12.46 -24.00 -10.47
N ALA A 329 13.02 -24.94 -11.22
CA ALA A 329 14.22 -25.65 -10.83
C ALA A 329 15.40 -24.73 -10.59
N TYR A 330 15.61 -23.84 -11.56
CA TYR A 330 16.71 -22.87 -11.42
C TYR A 330 16.48 -21.99 -10.20
N ILE A 331 15.23 -21.51 -10.07
CA ILE A 331 14.99 -20.52 -9.00
C ILE A 331 15.07 -21.21 -7.65
N HIS A 332 14.64 -22.46 -7.64
CA HIS A 332 14.81 -23.32 -6.47
C HIS A 332 16.26 -23.40 -6.05
N HIS A 333 17.11 -23.67 -7.03
CA HIS A 333 18.55 -23.72 -6.80
C HIS A 333 19.09 -22.39 -6.27
N LEU A 334 18.73 -21.28 -6.91
CA LEU A 334 19.20 -19.95 -6.50
C LEU A 334 18.82 -19.66 -5.07
N ILE A 335 17.56 -19.93 -4.70
CA ILE A 335 17.14 -19.57 -3.36
C ILE A 335 17.80 -20.45 -2.30
N ARG A 336 17.90 -21.73 -2.62
CA ARG A 336 18.62 -22.64 -1.74
C ARG A 336 20.07 -22.28 -1.52
N ALA A 337 20.66 -21.77 -2.59
CA ALA A 337 22.07 -21.39 -2.54
C ALA A 337 22.31 -20.02 -1.91
N GLY A 338 21.28 -19.31 -1.53
CA GLY A 338 21.38 -17.96 -1.02
C GLY A 338 21.82 -16.94 -2.05
N GLU A 339 21.63 -17.19 -3.34
CA GLU A 339 22.06 -16.27 -4.38
C GLU A 339 21.13 -15.07 -4.53
N ILE A 340 21.74 -13.90 -4.67
CA ILE A 340 20.99 -12.66 -4.89
C ILE A 340 20.07 -12.73 -6.09
N LEU A 341 20.50 -13.36 -7.19
CA LEU A 341 19.59 -13.46 -8.34
C LEU A 341 18.28 -14.19 -7.98
N GLY A 342 18.34 -15.10 -7.01
CA GLY A 342 17.13 -15.78 -6.54
C GLY A 342 16.13 -14.77 -5.98
N ALA A 343 16.56 -13.86 -5.12
CA ALA A 343 15.74 -12.81 -4.56
C ALA A 343 15.20 -11.89 -5.66
N MET A 344 16.07 -11.59 -6.63
CA MET A 344 15.70 -10.71 -7.71
C MET A 344 14.58 -11.29 -8.54
N LEU A 345 14.79 -12.52 -8.96
CA LEU A 345 13.75 -13.16 -9.78
C LEU A 345 12.46 -13.41 -9.00
N MET A 346 12.55 -13.90 -7.77
CA MET A 346 11.34 -14.14 -6.98
C MET A 346 10.58 -12.83 -6.76
N THR A 347 11.32 -11.76 -6.49
CA THR A 347 10.65 -10.49 -6.20
C THR A 347 10.00 -9.90 -7.45
N GLU A 348 10.69 -9.96 -8.58
CA GLU A 348 10.11 -9.43 -9.81
C GLU A 348 8.82 -10.18 -10.11
N HIS A 349 8.91 -11.51 -10.00
CA HIS A 349 7.73 -12.31 -10.26
C HIS A 349 6.58 -11.93 -9.33
N ASN A 350 6.82 -11.84 -8.03
CA ASN A 350 5.70 -11.62 -7.09
C ASN A 350 5.05 -10.25 -7.27
N ILE A 351 5.87 -9.23 -7.48
CA ILE A 351 5.31 -7.90 -7.78
C ILE A 351 4.57 -7.87 -9.09
N ALA A 352 5.09 -8.56 -10.11
CA ALA A 352 4.34 -8.64 -11.37
C ALA A 352 3.00 -9.33 -11.15
N PHE A 353 3.04 -10.40 -10.37
CA PHE A 353 1.85 -11.15 -10.06
C PHE A 353 0.80 -10.21 -9.43
N TYR A 354 1.21 -9.47 -8.42
CA TYR A 354 0.32 -8.52 -7.78
C TYR A 354 -0.22 -7.50 -8.78
N GLN A 355 0.59 -7.01 -9.69
CA GLN A 355 0.11 -6.01 -10.65
C GLN A 355 -0.88 -6.62 -11.63
N GLN A 356 -0.62 -7.87 -12.01
CA GLN A 356 -1.57 -8.59 -12.87
C GLN A 356 -2.91 -8.81 -12.18
N LEU A 357 -2.83 -9.07 -10.89
CA LEU A 357 -4.03 -9.24 -10.08
C LEU A 357 -4.79 -7.92 -10.14
N MET A 358 -4.09 -6.81 -9.98
CA MET A 358 -4.83 -5.55 -9.91
C MET A 358 -5.43 -5.23 -11.28
N GLN A 359 -4.71 -5.61 -12.33
CA GLN A 359 -5.21 -5.35 -13.68
C GLN A 359 -6.47 -6.16 -13.94
N LYS A 360 -6.47 -7.42 -13.51
CA LYS A 360 -7.66 -8.25 -13.73
C LYS A 360 -8.83 -7.74 -12.90
N ILE A 361 -8.49 -7.19 -11.74
CA ILE A 361 -9.55 -6.57 -10.90
C ILE A 361 -10.13 -5.37 -11.60
N ARG A 362 -9.26 -4.47 -12.08
CA ARG A 362 -9.71 -3.29 -12.77
C ARG A 362 -10.57 -3.60 -13.98
N ASP A 363 -10.09 -4.55 -14.76
CA ASP A 363 -10.76 -4.94 -16.01
C ASP A 363 -12.13 -5.53 -15.75
N SER A 364 -12.21 -6.38 -14.72
CA SER A 364 -13.48 -7.05 -14.46
C SER A 364 -14.50 -6.08 -13.88
N ILE A 365 -14.03 -5.13 -13.05
CA ILE A 365 -14.96 -4.10 -12.60
C ILE A 365 -15.42 -3.27 -13.78
N SER A 366 -14.52 -2.87 -14.67
CA SER A 366 -14.96 -2.05 -15.79
C SER A 366 -15.97 -2.78 -16.69
N GLU A 367 -15.87 -4.10 -16.73
CA GLU A 367 -16.74 -4.95 -17.54
C GLU A 367 -17.91 -5.50 -16.77
N GLY A 368 -18.05 -5.11 -15.50
CA GLY A 368 -19.12 -5.57 -14.66
C GLY A 368 -19.16 -7.05 -14.37
N ARG A 369 -18.01 -7.71 -14.34
CA ARG A 369 -17.91 -9.11 -14.02
C ARG A 369 -16.95 -9.36 -12.86
N PHE A 370 -16.81 -8.37 -11.98
CA PHE A 370 -15.87 -8.54 -10.87
C PHE A 370 -16.32 -9.58 -9.86
N SER A 371 -17.60 -9.62 -9.57
CA SER A 371 -18.08 -10.63 -8.62
C SER A 371 -17.80 -12.04 -9.15
N GLN A 372 -18.01 -12.26 -10.45
CA GLN A 372 -17.66 -13.56 -11.01
C GLN A 372 -16.14 -13.78 -10.95
N PHE A 373 -15.33 -12.78 -11.36
CA PHE A 373 -13.89 -12.90 -11.19
C PHE A 373 -13.54 -13.24 -9.74
N ALA A 374 -14.15 -12.58 -8.76
CA ALA A 374 -13.74 -12.83 -7.38
C ALA A 374 -13.98 -14.28 -6.99
N GLN A 375 -15.14 -14.81 -7.37
CA GLN A 375 -15.45 -16.22 -7.16
C GLN A 375 -14.52 -17.20 -7.85
N ASP A 376 -14.24 -16.98 -9.12
CA ASP A 376 -13.32 -17.79 -9.92
C ASP A 376 -11.92 -17.78 -9.30
N PHE A 377 -11.46 -16.58 -8.94
CA PHE A 377 -10.14 -16.42 -8.35
C PHE A 377 -9.97 -17.31 -7.13
N ARG A 378 -10.94 -17.17 -6.23
CA ARG A 378 -10.94 -17.88 -4.98
C ARG A 378 -11.01 -19.41 -5.14
N ALA A 379 -11.89 -19.85 -6.01
CA ALA A 379 -12.04 -21.29 -6.23
C ALA A 379 -10.69 -21.89 -6.62
N ARG A 380 -9.99 -21.22 -7.54
CA ARG A 380 -8.73 -21.75 -8.04
C ARG A 380 -7.56 -21.48 -7.12
N TYR A 381 -7.50 -20.28 -6.53
CA TYR A 381 -6.45 -19.98 -5.59
C TYR A 381 -6.50 -20.94 -4.41
N PHE A 382 -7.71 -21.28 -3.96
CA PHE A 382 -7.74 -22.19 -2.82
C PHE A 382 -7.95 -23.64 -3.21
N ALA A 383 -7.98 -23.96 -4.50
CA ALA A 383 -8.06 -25.38 -4.86
C ALA A 383 -6.71 -26.01 -4.55
N1 AAQ B . -1.40 -2.34 9.35
C3 AAQ B . -1.18 -0.98 9.35
C2 AAQ B . -1.86 0.09 9.93
C4 AAQ B . -1.27 1.34 9.78
C5 AAQ B . -0.10 1.54 9.00
C6 AAQ B . 0.50 0.44 8.35
C7 AAQ B . 1.80 0.53 7.59
C8 AAQ B . 1.48 0.44 6.12
N2 AAQ B . 2.59 -0.15 5.35
C9 AAQ B . 3.73 0.78 5.13
C10 AAQ B . 4.92 0.28 5.89
C11 AAQ B . 5.18 0.72 7.17
C12 AAQ B . 6.28 0.26 7.89
C13 AAQ B . 7.12 -0.66 7.29
C14 AAQ B . 6.87 -1.12 6.00
C15 AAQ B . 5.77 -0.66 5.28
C16 AAQ B . -0.05 -0.84 8.58
N3 AAQ B . 0.42 -2.05 8.14
C17 AAQ B . -0.35 -2.94 8.71
N4 AAQ B . -0.39 -4.27 8.51
C1 AAQ B . 0.71 -4.91 7.83
N5 AAQ B . 0.46 2.83 8.94
C18 AAQ B . -0.03 3.84 9.61
N6 AAQ B . 0.44 5.13 9.45
N7 AAQ B . -1.18 3.70 10.38
C19 AAQ B . -1.87 2.50 10.47
O1 AAQ B . -2.93 2.36 11.07
ZN ZN C . 5.98 -14.51 -13.37
C1 GOL D . 21.89 -13.43 -22.09
O1 GOL D . 20.52 -13.62 -21.76
C2 GOL D . 22.13 -14.24 -23.37
O2 GOL D . 21.91 -15.61 -23.12
C3 GOL D . 23.48 -13.88 -24.00
O3 GOL D . 23.33 -13.99 -25.44
C1 GOL E . -10.50 2.76 -15.77
O1 GOL E . -10.96 2.63 -17.12
C2 GOL E . -9.55 1.58 -15.49
O2 GOL E . -10.15 0.62 -14.66
C3 GOL E . -8.19 2.07 -15.02
O3 GOL E . -8.34 2.61 -13.70
C1 GOL F . -4.88 15.56 24.96
O1 GOL F . -5.98 16.24 24.38
C2 GOL F . -5.22 14.19 25.53
O2 GOL F . -5.81 14.21 26.82
C3 GOL F . -3.93 13.32 25.55
O3 GOL F . -3.03 13.91 26.51
C1 GOL G . -14.97 -14.69 0.94
O1 GOL G . -16.25 -15.19 0.56
C2 GOL G . -15.09 -13.27 1.49
O2 GOL G . -16.43 -12.89 1.80
C3 GOL G . -14.36 -12.27 0.61
O3 GOL G . -15.34 -11.38 0.06
C1 GOL H . 0.94 8.97 26.45
O1 GOL H . -0.27 8.31 26.09
C2 GOL H . 0.58 10.11 27.41
O2 GOL H . 0.05 11.22 26.71
C3 GOL H . 1.80 10.47 28.27
O3 GOL H . 1.39 11.50 29.18
#